data_1RFR
#
_entry.id   1RFR
#
_entity_poly.entity_id   1
_entity_poly.type   'polyribonucleotide'
_entity_poly.pdbx_seq_one_letter_code
;GGCACUCUGGUAUCACGGUACCUUUGUGUC
;
_entity_poly.pdbx_strand_id   A
#
loop_
_chem_comp.id
_chem_comp.type
_chem_comp.name
_chem_comp.formula
A RNA linking ADENOSINE-5'-MONOPHOSPHATE 'C10 H14 N5 O7 P'
C RNA linking CYTIDINE-5'-MONOPHOSPHATE 'C9 H14 N3 O8 P'
G RNA linking GUANOSINE-5'-MONOPHOSPHATE 'C10 H14 N5 O8 P'
U RNA linking URIDINE-5'-MONOPHOSPHATE 'C9 H13 N2 O9 P'
#